data_7ZZ5
#
_entry.id   7ZZ5
#
_cell.length_a   1.00
_cell.length_b   1.00
_cell.length_c   1.00
_cell.angle_alpha   90.00
_cell.angle_beta   90.00
_cell.angle_gamma   90.00
#
_symmetry.space_group_name_H-M   'P 1'
#
loop_
_entity.id
_entity.type
_entity.pdbx_description
1 polymer 'Pyruvate carboxylase'
2 non-polymer 'ACETYL COENZYME *A'
3 non-polymer 'BICARBONATE ION'
#
_entity_poly.entity_id   1
_entity_poly.type   'polypeptide(L)'
_entity_poly.pdbx_seq_one_letter_code
;VPRGSHMKKLLVANRGEIAVRVFRACNELGLSTVAVYAREDEYSVHRFKADESYLIGQGKKPIDAYLDIDDIIRVALESG
ADAIHPGYGLLSENLEFATKVRAAGLVFVGPELHHLDIFGDKIKAKAAADEAKVPGIPGTNGAVDIDGALEFAKTYGYPV
MIKAALGGGGRGMRVARNDAEMHDGYARAKSEAIGAFGSGEIYVEKYIENPKHIEVQILGDRHGNIIHLHERDCSVQRRN
QKVIEIAPAVGLSPDFRNEICEAAVKLCKNVGYVNAGTVEFLVKDDKFYFIEVNPRVQVEHTITELITGVDIVQAQILIA
QGKDLHREIGLPAQSEIPLLGSAIQCRITTEDPQNGFLPDTGKIDTYRSPGGFGIRLDVGNAYAGYEVTPYFDSLLVKVC
TFANEFSDSVRKMDRVLHEFRIRGVKTNIPFLINVIANENFTSGQATTTFIDNTPSLFNFPRLRDRGTKTLHYLSMITVN
GFPGIENTEKRHFEEPRQPLLNLEKKKTAKNILDEQGADAVVDYVKNTKEVLLTDTTLRDAHQSLLATRLRLQDMKGIAQ
AIDQGLPELFSAEMWGGATFDVAYRFLNESPWYRLRKLRKLMPNTMFQMLFRGSNAVGYQNYPDNVIEEFIRVAAHEGID
VFRIFDSLNWLPQMEKSIQAVRDNGKIAEATICYTGDILDPSRPKYNIQYYKDLAKELEATGAHILAV(KCX)DMAGLLK
PQAAYRLISELKDTVDLPIHLHTHDTSGNGIITYSGATQAGVDIIDVATASLAGGTSQPSMQSIYYALEHGPRHASINVK
NAEQIDHYWEDVRKYYAPFEAGITSPQTEVYMHEMPGGQYTNLKSQAAAVGLGHRFDEIKQMYRKVNMMFGDIIKVTPSS
KVVGDMALFMIQNDLTEEDVYARGNELNFPESVVSFFRGDLGQPVGGFPEKLQKIIVKDKAVITDRPGLHAEKVDFETVK
ADLEQKIGYEPGDHEVISYIMYPQVFLDYQKMQREFGAVTLLDTPTFLHGMRLNEKIEVQIEKGKTLSIRLDEIGEPDLA
GNRVLFFNLNGQRREVVINDQSVQAQVVAKRKAETGNPNQIGATMPGSVLEILVKAGDKVQKGQALMVTEAMKMETTIEA
PFDGEIVDLHVVKGEAIQTQDLLIEIN
;
_entity_poly.pdbx_strand_id   A
#
# COMPACT_ATOMS: atom_id res chain seq x y z
N HIS A 6 3.62 -29.26 -8.83
CA HIS A 6 3.28 -29.94 -7.58
C HIS A 6 2.05 -29.31 -6.95
N MET A 7 2.11 -28.00 -6.69
CA MET A 7 0.99 -27.30 -6.10
C MET A 7 -0.17 -27.26 -7.10
N LYS A 8 -1.36 -27.64 -6.63
CA LYS A 8 -2.53 -27.74 -7.48
C LYS A 8 -3.71 -26.93 -7.00
N LYS A 9 -3.83 -26.68 -5.70
CA LYS A 9 -4.96 -25.97 -5.12
C LYS A 9 -4.45 -24.88 -4.21
N LEU A 10 -5.02 -23.68 -4.34
CA LEU A 10 -4.61 -22.54 -3.56
C LEU A 10 -5.82 -21.96 -2.82
N LEU A 11 -5.61 -21.67 -1.53
CA LEU A 11 -6.60 -20.98 -0.72
C LEU A 11 -6.19 -19.52 -0.58
N VAL A 12 -7.17 -18.62 -0.65
CA VAL A 12 -6.94 -17.20 -0.42
C VAL A 12 -7.51 -16.86 0.95
N ALA A 13 -6.64 -16.40 1.85
CA ALA A 13 -7.05 -16.01 3.19
C ALA A 13 -7.39 -14.53 3.25
N ASN A 14 -8.27 -14.09 2.35
CA ASN A 14 -8.64 -12.69 2.24
C ASN A 14 -10.03 -12.61 1.63
N ARG A 15 -10.43 -11.40 1.23
CA ARG A 15 -11.75 -11.16 0.69
C ARG A 15 -11.67 -10.07 -0.35
N GLY A 16 -12.82 -9.64 -0.85
CA GLY A 16 -12.88 -8.47 -1.70
C GLY A 16 -12.23 -8.65 -3.05
N GLU A 17 -11.65 -7.56 -3.56
CA GLU A 17 -11.10 -7.58 -4.91
C GLU A 17 -9.78 -8.34 -4.99
N ILE A 18 -8.99 -8.35 -3.91
CA ILE A 18 -7.70 -9.01 -3.95
C ILE A 18 -7.86 -10.52 -4.02
N ALA A 19 -8.91 -11.05 -3.37
CA ALA A 19 -9.21 -12.47 -3.48
C ALA A 19 -9.56 -12.84 -4.91
N VAL A 20 -10.36 -12.01 -5.58
CA VAL A 20 -10.72 -12.26 -6.98
C VAL A 20 -9.49 -12.14 -7.87
N ARG A 21 -8.59 -11.22 -7.55
CA ARG A 21 -7.35 -11.06 -8.33
C ARG A 21 -6.47 -12.30 -8.23
N VAL A 22 -6.29 -12.82 -7.02
CA VAL A 22 -5.50 -14.04 -6.86
C VAL A 22 -6.23 -15.23 -7.48
N PHE A 23 -7.57 -15.25 -7.43
CA PHE A 23 -8.32 -16.32 -8.09
C PHE A 23 -8.10 -16.29 -9.60
N ARG A 24 -8.11 -15.10 -10.20
CA ARG A 24 -7.87 -14.99 -11.63
C ARG A 24 -6.46 -15.42 -11.98
N ALA A 25 -5.48 -15.04 -11.15
CA ALA A 25 -4.10 -15.48 -11.38
C ALA A 25 -3.98 -16.99 -11.29
N CYS A 26 -4.65 -17.60 -10.32
CA CYS A 26 -4.58 -19.06 -10.15
C CYS A 26 -5.27 -19.79 -11.29
N ASN A 27 -6.40 -19.26 -11.78
CA ASN A 27 -7.06 -19.87 -12.92
C ASN A 27 -6.23 -19.73 -14.18
N GLU A 28 -5.53 -18.61 -14.34
CA GLU A 28 -4.62 -18.47 -15.48
C GLU A 28 -3.39 -19.35 -15.32
N LEU A 29 -3.03 -19.72 -14.10
CA LEU A 29 -1.94 -20.66 -13.87
C LEU A 29 -2.41 -22.11 -13.78
N GLY A 30 -3.69 -22.37 -14.01
CA GLY A 30 -4.22 -23.72 -13.90
C GLY A 30 -4.24 -24.28 -12.51
N LEU A 31 -4.67 -23.50 -11.52
CA LEU A 31 -4.74 -23.94 -10.14
C LEU A 31 -6.18 -23.86 -9.64
N SER A 32 -6.58 -24.87 -8.87
CA SER A 32 -7.88 -24.82 -8.20
C SER A 32 -7.86 -23.78 -7.10
N THR A 33 -9.00 -23.15 -6.87
CA THR A 33 -9.12 -22.04 -5.94
C THR A 33 -10.06 -22.40 -4.80
N VAL A 34 -9.72 -21.95 -3.60
CA VAL A 34 -10.57 -22.12 -2.42
C VAL A 34 -10.74 -20.75 -1.78
N ALA A 35 -11.99 -20.37 -1.54
CA ALA A 35 -12.31 -19.12 -0.86
C ALA A 35 -12.74 -19.37 0.57
N VAL A 36 -12.55 -18.37 1.42
CA VAL A 36 -13.07 -18.35 2.77
C VAL A 36 -13.91 -17.09 2.92
N TYR A 37 -15.02 -17.20 3.65
CA TYR A 37 -15.89 -16.06 3.82
C TYR A 37 -16.55 -16.12 5.19
N ALA A 38 -16.70 -14.96 5.82
CA ALA A 38 -17.50 -14.85 7.03
C ALA A 38 -18.98 -14.88 6.67
N ARG A 39 -19.81 -15.08 7.70
CA ARG A 39 -21.25 -15.10 7.50
C ARG A 39 -21.75 -13.73 7.02
N GLU A 40 -21.17 -12.66 7.55
CA GLU A 40 -21.53 -11.31 7.11
C GLU A 40 -21.02 -11.01 5.71
N ASP A 41 -20.02 -11.77 5.23
CA ASP A 41 -19.50 -11.62 3.88
C ASP A 41 -20.06 -12.68 2.94
N GLU A 42 -21.28 -13.17 3.21
CA GLU A 42 -21.85 -14.24 2.41
C GLU A 42 -22.24 -13.77 1.01
N TYR A 43 -22.45 -12.48 0.82
CA TYR A 43 -22.82 -11.93 -0.48
C TYR A 43 -21.63 -11.31 -1.20
N SER A 44 -20.42 -11.53 -0.70
CA SER A 44 -19.22 -11.04 -1.37
C SER A 44 -19.04 -11.76 -2.72
N VAL A 45 -18.49 -11.02 -3.68
CA VAL A 45 -18.25 -11.57 -5.01
C VAL A 45 -17.21 -12.68 -4.95
N HIS A 46 -16.20 -12.51 -4.10
CA HIS A 46 -15.07 -13.45 -4.03
C HIS A 46 -15.48 -14.83 -3.56
N ARG A 47 -16.59 -14.96 -2.83
CA ARG A 47 -17.05 -16.27 -2.39
C ARG A 47 -17.46 -17.14 -3.58
N PHE A 48 -18.14 -16.57 -4.56
CA PHE A 48 -18.65 -17.32 -5.69
C PHE A 48 -17.69 -17.40 -6.87
N LYS A 49 -16.58 -16.68 -6.82
CA LYS A 49 -15.59 -16.76 -7.91
C LYS A 49 -14.60 -17.90 -7.73
N ALA A 50 -14.67 -18.65 -6.64
CA ALA A 50 -13.75 -19.75 -6.41
C ALA A 50 -14.42 -21.09 -6.68
N ASP A 51 -13.59 -22.10 -6.89
CA ASP A 51 -14.10 -23.47 -7.07
C ASP A 51 -14.75 -23.98 -5.78
N GLU A 52 -14.14 -23.70 -4.64
CA GLU A 52 -14.68 -24.08 -3.34
C GLU A 52 -14.74 -22.86 -2.45
N SER A 53 -15.79 -22.78 -1.63
CA SER A 53 -15.93 -21.70 -0.66
C SER A 53 -16.41 -22.29 0.65
N TYR A 54 -15.77 -21.90 1.75
CA TYR A 54 -16.07 -22.43 3.06
C TYR A 54 -16.26 -21.30 4.06
N LEU A 55 -17.28 -21.44 4.90
CA LEU A 55 -17.52 -20.46 5.95
C LEU A 55 -16.47 -20.61 7.06
N ILE A 56 -15.93 -19.49 7.51
CA ILE A 56 -14.90 -19.48 8.54
C ILE A 56 -15.34 -18.54 9.65
N GLY A 57 -14.83 -18.79 10.85
CA GLY A 57 -15.09 -17.93 11.99
C GLY A 57 -16.54 -17.86 12.40
N GLN A 58 -17.19 -19.01 12.51
CA GLN A 58 -18.60 -19.04 12.88
C GLN A 58 -18.80 -18.52 14.30
N GLY A 59 -19.78 -17.63 14.46
CA GLY A 59 -20.05 -17.02 15.74
C GLY A 59 -19.11 -15.89 16.12
N LYS A 60 -18.34 -15.36 15.18
CA LYS A 60 -17.38 -14.31 15.45
C LYS A 60 -17.77 -13.04 14.71
N LYS A 61 -17.14 -11.94 15.10
CA LYS A 61 -17.18 -10.73 14.29
C LYS A 61 -16.49 -11.02 12.95
N PRO A 62 -17.03 -10.54 11.83
CA PRO A 62 -16.45 -10.91 10.52
C PRO A 62 -15.00 -10.54 10.33
N ILE A 63 -14.57 -9.38 10.85
CA ILE A 63 -13.17 -9.01 10.72
C ILE A 63 -12.32 -9.85 11.68
N ASP A 64 -12.93 -10.36 12.75
CA ASP A 64 -12.24 -11.36 13.57
C ASP A 64 -12.27 -12.74 12.92
N ALA A 65 -13.33 -13.02 12.15
CA ALA A 65 -13.40 -14.28 11.43
C ALA A 65 -12.32 -14.37 10.37
N TYR A 66 -12.04 -13.26 9.69
CA TYR A 66 -10.97 -13.26 8.69
C TYR A 66 -9.57 -13.28 9.31
N LEU A 67 -9.45 -13.02 10.60
CA LEU A 67 -8.17 -13.13 11.31
C LEU A 67 -8.03 -14.43 12.06
N ASP A 68 -8.92 -15.39 11.85
CA ASP A 68 -8.87 -16.67 12.54
C ASP A 68 -7.85 -17.56 11.84
N ILE A 69 -6.67 -17.69 12.45
CA ILE A 69 -5.59 -18.46 11.84
C ILE A 69 -5.92 -19.93 11.80
N ASP A 70 -6.40 -20.48 12.93
CA ASP A 70 -6.63 -21.91 13.04
C ASP A 70 -7.78 -22.36 12.15
N ASP A 71 -8.85 -21.56 12.05
CA ASP A 71 -9.96 -21.90 11.17
C ASP A 71 -9.55 -21.90 9.70
N ILE A 72 -8.74 -20.91 9.29
CA ILE A 72 -8.27 -20.84 7.91
C ILE A 72 -7.36 -22.01 7.60
N ILE A 73 -6.47 -22.38 8.53
CA ILE A 73 -5.58 -23.50 8.32
C ILE A 73 -6.36 -24.82 8.27
N ARG A 74 -7.40 -24.95 9.11
CA ARG A 74 -8.24 -26.13 9.08
C ARG A 74 -8.99 -26.25 7.76
N VAL A 75 -9.49 -25.13 7.24
CA VAL A 75 -10.18 -25.15 5.95
C VAL A 75 -9.21 -25.51 4.83
N ALA A 76 -7.99 -24.97 4.88
CA ALA A 76 -6.98 -25.28 3.87
C ALA A 76 -6.59 -26.75 3.90
N LEU A 77 -6.48 -27.33 5.10
CA LEU A 77 -6.14 -28.74 5.22
C LEU A 77 -7.29 -29.63 4.76
N GLU A 78 -8.53 -29.26 5.09
CA GLU A 78 -9.67 -30.09 4.74
C GLU A 78 -9.97 -30.02 3.25
N SER A 79 -9.78 -28.87 2.64
CA SER A 79 -10.03 -28.71 1.21
C SER A 79 -8.93 -29.30 0.34
N GLY A 80 -7.80 -29.70 0.93
CA GLY A 80 -6.69 -30.19 0.15
C GLY A 80 -5.86 -29.11 -0.50
N ALA A 81 -5.99 -27.88 -0.05
CA ALA A 81 -5.21 -26.78 -0.61
C ALA A 81 -3.74 -26.94 -0.26
N ASP A 82 -2.87 -26.66 -1.24
CA ASP A 82 -1.44 -26.78 -1.04
C ASP A 82 -0.80 -25.45 -0.66
N ALA A 83 -1.44 -24.34 -0.95
CA ALA A 83 -0.85 -23.03 -0.71
C ALA A 83 -1.90 -22.08 -0.14
N ILE A 84 -1.43 -21.08 0.59
CA ILE A 84 -2.28 -20.03 1.12
C ILE A 84 -1.73 -18.69 0.68
N HIS A 85 -2.50 -17.95 -0.10
CA HIS A 85 -2.17 -16.57 -0.46
C HIS A 85 -2.92 -15.65 0.48
N PRO A 86 -2.22 -14.81 1.26
CA PRO A 86 -2.92 -13.97 2.23
C PRO A 86 -3.47 -12.66 1.66
N GLY A 87 -3.13 -12.32 0.43
CA GLY A 87 -3.58 -11.04 -0.12
C GLY A 87 -2.86 -9.89 0.56
N TYR A 88 -3.62 -8.89 1.00
CA TYR A 88 -3.07 -7.81 1.79
C TYR A 88 -4.04 -7.46 2.92
N GLY A 89 -3.50 -6.85 3.97
CA GLY A 89 -4.29 -6.11 4.93
C GLY A 89 -4.95 -6.92 6.02
N LEU A 90 -4.93 -8.24 5.96
CA LEU A 90 -5.50 -9.05 7.02
C LEU A 90 -4.45 -9.86 7.76
N LEU A 91 -3.76 -10.75 7.06
CA LEU A 91 -2.75 -11.60 7.69
C LEU A 91 -1.52 -11.72 6.81
N SER A 92 -1.33 -10.80 5.89
CA SER A 92 -0.21 -10.88 4.95
C SER A 92 1.11 -10.62 5.62
N GLU A 93 1.13 -9.86 6.71
CA GLU A 93 2.35 -9.56 7.45
C GLU A 93 2.35 -10.19 8.84
N ASN A 94 1.38 -11.06 9.13
CA ASN A 94 1.32 -11.71 10.43
C ASN A 94 2.36 -12.83 10.48
N LEU A 95 3.30 -12.71 11.41
CA LEU A 95 4.36 -13.70 11.53
C LEU A 95 3.82 -15.05 12.02
N GLU A 96 2.89 -15.02 12.98
CA GLU A 96 2.34 -16.25 13.53
C GLU A 96 1.55 -17.02 12.48
N PHE A 97 0.79 -16.32 11.65
CA PHE A 97 0.00 -16.97 10.61
C PHE A 97 0.90 -17.68 9.60
N ALA A 98 1.93 -16.99 9.12
CA ALA A 98 2.83 -17.60 8.15
C ALA A 98 3.64 -18.73 8.77
N THR A 99 4.03 -18.58 10.03
CA THR A 99 4.77 -19.64 10.73
C THR A 99 3.91 -20.89 10.87
N LYS A 100 2.65 -20.73 11.26
CA LYS A 100 1.75 -21.87 11.40
C LYS A 100 1.39 -22.47 10.05
N VAL A 101 1.29 -21.65 9.01
CA VAL A 101 0.98 -22.16 7.68
C VAL A 101 2.13 -23.01 7.15
N ARG A 102 3.37 -22.52 7.31
CA ARG A 102 4.51 -23.32 6.86
C ARG A 102 4.76 -24.51 7.78
N ALA A 103 4.33 -24.44 9.04
CA ALA A 103 4.43 -25.58 9.93
C ALA A 103 3.39 -26.64 9.61
N ALA A 104 2.27 -26.24 9.04
CA ALA A 104 1.23 -27.19 8.62
C ALA A 104 1.58 -27.91 7.33
N GLY A 105 2.68 -27.55 6.68
CA GLY A 105 3.06 -28.13 5.42
C GLY A 105 2.58 -27.38 4.20
N LEU A 106 1.72 -26.38 4.39
CA LEU A 106 1.23 -25.59 3.28
C LEU A 106 2.29 -24.59 2.84
N VAL A 107 2.06 -23.98 1.68
CA VAL A 107 2.94 -22.96 1.13
C VAL A 107 2.35 -21.60 1.43
N PHE A 108 3.13 -20.74 2.07
CA PHE A 108 2.72 -19.36 2.30
C PHE A 108 3.25 -18.51 1.16
N VAL A 109 2.34 -17.90 0.40
CA VAL A 109 2.75 -17.05 -0.71
C VAL A 109 3.17 -15.71 -0.16
N GLY A 110 4.45 -15.58 0.14
CA GLY A 110 4.99 -14.38 0.74
C GLY A 110 6.45 -14.54 1.05
N PRO A 111 7.04 -13.56 1.71
CA PRO A 111 8.47 -13.64 2.05
C PRO A 111 8.76 -14.63 3.15
N GLU A 112 10.03 -14.78 3.50
CA GLU A 112 10.42 -15.69 4.56
C GLU A 112 10.05 -15.10 5.92
N LEU A 113 10.19 -15.93 6.95
CA LEU A 113 9.79 -15.51 8.30
C LEU A 113 10.71 -14.43 8.84
N HIS A 114 12.01 -14.51 8.53
CA HIS A 114 12.92 -13.47 9.00
C HIS A 114 12.62 -12.13 8.36
N HIS A 115 12.26 -12.13 7.07
CA HIS A 115 11.82 -10.90 6.41
C HIS A 115 10.57 -10.35 7.07
N LEU A 116 9.63 -11.24 7.41
CA LEU A 116 8.37 -10.80 8.00
C LEU A 116 8.58 -10.17 9.38
N ASP A 117 9.42 -10.77 10.23
CA ASP A 117 9.63 -10.15 11.54
C ASP A 117 10.55 -8.93 11.46
N ILE A 118 11.49 -8.91 10.53
CA ILE A 118 12.37 -7.75 10.39
C ILE A 118 11.60 -6.54 9.91
N PHE A 119 10.75 -6.71 8.90
CA PHE A 119 9.98 -5.61 8.36
C PHE A 119 8.65 -5.42 9.05
N GLY A 120 8.31 -6.27 10.02
CA GLY A 120 7.22 -6.03 10.93
C GLY A 120 7.63 -5.32 12.20
N ASP A 121 8.90 -4.92 12.29
CA ASP A 121 9.43 -4.23 13.46
C ASP A 121 10.20 -3.00 12.98
N LYS A 122 9.88 -1.84 13.56
CA LYS A 122 10.50 -0.59 13.12
C LYS A 122 12.00 -0.57 13.41
N ILE A 123 12.40 -1.04 14.60
CA ILE A 123 13.81 -1.08 14.95
C ILE A 123 14.58 -2.04 14.06
N LYS A 124 13.99 -3.22 13.81
CA LYS A 124 14.66 -4.21 12.97
C LYS A 124 14.75 -3.76 11.52
N ALA A 125 13.70 -3.11 11.01
CA ALA A 125 13.75 -2.59 9.65
C ALA A 125 14.77 -1.46 9.52
N LYS A 126 14.86 -0.60 10.53
CA LYS A 126 15.87 0.46 10.54
C LYS A 126 17.27 -0.13 10.60
N ALA A 127 17.46 -1.18 11.40
CA ALA A 127 18.76 -1.84 11.47
C ALA A 127 19.14 -2.48 10.15
N ALA A 128 18.18 -3.11 9.47
CA ALA A 128 18.45 -3.70 8.16
C ALA A 128 18.78 -2.62 7.13
N ALA A 129 18.09 -1.49 7.18
CA ALA A 129 18.37 -0.39 6.25
C ALA A 129 19.73 0.22 6.50
N ASP A 130 20.12 0.34 7.77
CA ASP A 130 21.46 0.86 8.09
C ASP A 130 22.55 -0.14 7.70
N GLU A 131 22.26 -1.44 7.82
CA GLU A 131 23.21 -2.45 7.39
C GLU A 131 23.36 -2.44 5.88
N ALA A 132 22.28 -2.19 5.15
CA ALA A 132 22.33 -2.12 3.70
C ALA A 132 22.78 -0.76 3.17
N LYS A 133 23.18 0.15 4.06
CA LYS A 133 23.63 1.50 3.74
C LYS A 133 22.57 2.30 2.98
N VAL A 134 21.30 2.06 3.31
CA VAL A 134 20.19 2.84 2.76
C VAL A 134 19.78 3.85 3.82
N PRO A 135 19.93 5.15 3.58
CA PRO A 135 19.68 6.13 4.63
C PRO A 135 18.20 6.27 4.93
N GLY A 136 17.88 6.36 6.22
CA GLY A 136 16.55 6.70 6.67
C GLY A 136 16.42 8.20 6.88
N ILE A 137 15.55 8.57 7.82
CA ILE A 137 15.41 9.97 8.20
C ILE A 137 16.69 10.36 8.95
N PRO A 138 17.46 11.30 8.45
CA PRO A 138 18.84 11.44 8.85
C PRO A 138 19.17 12.26 10.09
N GLY A 139 18.91 11.65 11.24
CA GLY A 139 19.26 12.25 12.51
C GLY A 139 19.92 11.23 13.42
N THR A 140 20.56 11.74 14.47
CA THR A 140 20.99 10.88 15.58
C THR A 140 19.82 10.71 16.54
N ASN A 141 18.85 9.91 16.08
CA ASN A 141 17.58 9.75 16.79
C ASN A 141 17.77 9.12 18.16
N GLY A 142 18.65 8.12 18.27
CA GLY A 142 18.86 7.43 19.53
C GLY A 142 19.46 8.28 20.63
N ALA A 143 20.05 9.43 20.28
CA ALA A 143 20.53 10.36 21.28
C ALA A 143 19.36 10.98 22.04
N VAL A 144 19.46 10.98 23.36
CA VAL A 144 18.37 11.46 24.23
C VAL A 144 18.97 12.57 25.09
N ASP A 145 18.86 13.81 24.60
CA ASP A 145 19.34 15.00 25.30
C ASP A 145 18.83 16.24 24.57
N ILE A 146 18.54 17.29 25.33
CA ILE A 146 18.21 18.57 24.73
C ILE A 146 19.44 19.19 24.07
N ASP A 147 20.60 19.08 24.72
CA ASP A 147 21.85 19.46 24.08
C ASP A 147 22.15 18.53 22.90
N GLY A 148 21.86 17.24 23.05
CA GLY A 148 21.95 16.33 21.92
C GLY A 148 21.00 16.72 20.81
N ALA A 149 19.81 17.22 21.15
CA ALA A 149 18.86 17.67 20.14
C ALA A 149 19.38 18.89 19.39
N LEU A 150 19.99 19.85 20.11
CA LEU A 150 20.47 21.04 19.42
C LEU A 150 21.69 20.74 18.55
N GLU A 151 22.61 19.88 19.03
CA GLU A 151 23.75 19.53 18.19
C GLU A 151 23.32 18.68 17.00
N PHE A 152 22.29 17.85 17.18
CA PHE A 152 21.66 17.15 16.06
C PHE A 152 21.10 18.13 15.04
N ALA A 153 20.48 19.21 15.53
CA ALA A 153 20.00 20.25 14.63
C ALA A 153 21.15 20.93 13.89
N LYS A 154 22.30 21.08 14.56
CA LYS A 154 23.45 21.71 13.90
C LYS A 154 24.03 20.83 12.80
N THR A 155 24.23 19.53 13.06
CA THR A 155 25.09 18.76 12.15
C THR A 155 24.41 18.46 10.82
N TYR A 156 23.12 18.13 10.82
CA TYR A 156 22.40 17.91 9.56
C TYR A 156 21.60 19.12 9.11
N GLY A 157 20.75 19.69 9.96
CA GLY A 157 20.07 20.91 9.60
C GLY A 157 18.67 20.98 10.18
N TYR A 158 17.88 21.88 9.61
CA TYR A 158 16.55 22.29 10.01
C TYR A 158 15.53 21.86 8.96
N PRO A 159 14.24 21.70 9.31
CA PRO A 159 13.61 21.81 10.64
C PRO A 159 13.77 20.56 11.50
N VAL A 160 13.32 20.63 12.75
CA VAL A 160 13.48 19.56 13.72
C VAL A 160 12.11 19.26 14.34
N MET A 161 11.73 17.99 14.33
CA MET A 161 10.46 17.55 14.88
C MET A 161 10.72 16.46 15.92
N ILE A 162 10.02 16.52 17.04
CA ILE A 162 10.42 15.81 18.25
C ILE A 162 9.43 14.71 18.59
N LYS A 163 9.90 13.76 19.40
CA LYS A 163 9.08 12.72 20.00
C LYS A 163 9.11 12.78 21.53
N ALA A 164 9.33 13.97 22.08
CA ALA A 164 9.36 14.12 23.53
C ALA A 164 7.97 13.98 24.16
N ALA A 165 6.92 14.10 23.36
CA ALA A 165 5.56 14.03 23.90
C ALA A 165 5.20 12.63 24.36
N LEU A 166 5.45 11.62 23.53
CA LEU A 166 5.01 10.27 23.85
C LEU A 166 5.86 9.27 23.09
N GLY A 167 5.98 8.07 23.66
CA GLY A 167 6.83 7.03 23.10
C GLY A 167 6.35 6.38 21.82
N GLY A 168 5.26 5.61 21.89
CA GLY A 168 4.84 4.82 20.75
C GLY A 168 3.57 5.33 20.09
N GLY A 169 3.72 5.91 18.90
CA GLY A 169 2.59 6.45 18.17
C GLY A 169 2.24 7.89 18.49
N GLY A 170 3.06 8.58 19.26
CA GLY A 170 2.84 9.98 19.59
C GLY A 170 4.05 10.81 19.20
N ARG A 171 3.79 11.95 18.56
CA ARG A 171 4.83 12.82 18.05
C ARG A 171 4.63 14.23 18.59
N GLY A 172 5.74 14.92 18.85
CA GLY A 172 5.65 16.31 19.26
C GLY A 172 5.12 17.20 18.16
N MET A 173 5.63 17.02 16.93
CA MET A 173 5.23 17.75 15.73
C MET A 173 5.34 19.26 15.96
N ARG A 174 6.60 19.70 16.12
CA ARG A 174 6.91 21.08 16.41
C ARG A 174 7.65 21.70 15.23
N VAL A 175 7.17 22.84 14.76
CA VAL A 175 7.79 23.53 13.64
C VAL A 175 8.95 24.37 14.18
N ALA A 176 10.15 24.09 13.71
CA ALA A 176 11.37 24.76 14.18
C ALA A 176 12.07 25.39 12.98
N ARG A 177 11.97 26.71 12.85
CA ARG A 177 12.61 27.40 11.74
C ARG A 177 13.61 28.44 12.21
N ASN A 178 13.18 29.35 13.10
CA ASN A 178 14.02 30.46 13.55
C ASN A 178 14.98 29.99 14.64
N ASP A 179 16.17 30.59 14.67
CA ASP A 179 17.24 30.08 15.55
C ASP A 179 16.86 30.22 17.02
N ALA A 180 16.15 31.28 17.38
CA ALA A 180 15.57 31.37 18.72
C ALA A 180 14.40 30.40 18.90
N GLU A 181 13.73 30.03 17.80
CA GLU A 181 12.58 29.13 17.93
C GLU A 181 13.03 27.73 18.31
N MET A 182 14.20 27.27 17.85
CA MET A 182 14.89 26.17 18.53
C MET A 182 14.91 26.30 20.04
N HIS A 183 15.47 27.40 20.58
CA HIS A 183 15.72 27.47 22.02
C HIS A 183 14.43 27.49 22.82
N ASP A 184 13.49 28.39 22.47
CA ASP A 184 12.27 28.44 23.27
C ASP A 184 11.35 27.26 22.98
N GLY A 185 11.40 26.70 21.77
CA GLY A 185 10.62 25.53 21.46
C GLY A 185 11.10 24.29 22.19
N TYR A 186 12.42 24.10 22.30
CA TYR A 186 12.92 23.01 23.13
C TYR A 186 12.57 23.23 24.59
N ALA A 187 12.63 24.48 25.06
CA ALA A 187 12.24 24.76 26.45
C ALA A 187 10.80 24.37 26.71
N ARG A 188 9.87 24.84 25.87
CA ARG A 188 8.46 24.51 26.06
C ARG A 188 8.19 23.03 25.79
N ALA A 189 8.93 22.42 24.87
CA ALA A 189 8.75 21.00 24.57
C ALA A 189 9.15 20.13 25.75
N LYS A 190 10.27 20.44 26.40
CA LYS A 190 10.67 19.64 27.56
C LYS A 190 9.76 19.93 28.75
N SER A 191 9.30 21.18 28.88
CA SER A 191 8.34 21.50 29.95
C SER A 191 7.04 20.72 29.79
N GLU A 192 6.56 20.59 28.55
CA GLU A 192 5.38 19.77 28.29
C GLU A 192 5.69 18.28 28.38
N ALA A 193 6.94 17.89 28.11
CA ALA A 193 7.30 16.48 28.05
C ALA A 193 7.40 15.85 29.43
N ILE A 194 7.97 16.56 30.40
CA ILE A 194 8.07 16.00 31.75
C ILE A 194 6.69 15.83 32.37
N GLY A 195 5.78 16.78 32.12
CA GLY A 195 4.43 16.64 32.63
C GLY A 195 3.58 15.64 31.89
N ALA A 196 4.02 15.15 30.73
CA ALA A 196 3.25 14.23 29.91
C ALA A 196 3.55 12.80 30.33
N PHE A 197 2.57 12.15 30.97
CA PHE A 197 2.51 10.73 31.27
C PHE A 197 3.50 10.26 32.34
N GLY A 198 4.43 11.13 32.75
CA GLY A 198 5.39 10.79 33.77
C GLY A 198 6.50 9.83 33.36
N SER A 199 6.26 9.05 32.31
CA SER A 199 7.22 8.06 31.82
C SER A 199 7.07 7.94 30.31
N GLY A 200 8.20 7.86 29.62
CA GLY A 200 8.19 7.77 28.17
C GLY A 200 9.58 7.71 27.59
N GLU A 201 9.79 8.34 26.44
CA GLU A 201 11.09 8.30 25.78
C GLU A 201 11.21 9.50 24.86
N ILE A 202 12.38 10.14 24.87
CA ILE A 202 12.64 11.35 24.09
C ILE A 202 13.44 10.96 22.86
N TYR A 203 12.92 11.33 21.68
CA TYR A 203 13.56 11.02 20.41
C TYR A 203 13.57 12.27 19.56
N VAL A 204 14.62 12.41 18.75
CA VAL A 204 14.76 13.55 17.85
C VAL A 204 14.59 13.06 16.42
N GLU A 205 14.22 13.98 15.53
CA GLU A 205 13.92 13.61 14.15
C GLU A 205 14.03 14.84 13.26
N LYS A 206 14.69 14.69 12.12
CA LYS A 206 14.77 15.77 11.15
C LYS A 206 13.48 15.82 10.34
N TYR A 207 12.78 16.95 10.41
CA TYR A 207 11.49 17.07 9.75
C TYR A 207 11.67 17.36 8.27
N ILE A 208 10.88 16.67 7.44
CA ILE A 208 10.93 16.83 5.99
C ILE A 208 9.65 17.55 5.57
N GLU A 209 9.82 18.69 4.93
CA GLU A 209 8.69 19.55 4.57
C GLU A 209 8.23 19.20 3.15
N ASN A 210 6.96 18.79 3.05
CA ASN A 210 6.33 18.42 1.79
C ASN A 210 7.11 17.36 0.99
N PRO A 211 7.25 16.15 1.51
CA PRO A 211 8.00 15.13 0.78
C PRO A 211 7.14 14.44 -0.26
N LYS A 212 7.78 13.57 -1.03
CA LYS A 212 7.10 12.71 -1.98
C LYS A 212 7.19 11.27 -1.51
N HIS A 213 6.05 10.60 -1.45
CA HIS A 213 5.99 9.20 -1.03
C HIS A 213 6.21 8.32 -2.26
N ILE A 214 7.37 7.68 -2.33
CA ILE A 214 7.76 6.85 -3.46
C ILE A 214 7.93 5.42 -2.99
N GLU A 215 7.24 4.49 -3.63
CA GLU A 215 7.34 3.07 -3.34
C GLU A 215 7.93 2.34 -4.52
N VAL A 216 8.89 1.45 -4.27
CA VAL A 216 9.53 0.65 -5.31
C VAL A 216 9.04 -0.78 -5.18
N GLN A 217 8.52 -1.33 -6.27
CA GLN A 217 8.04 -2.70 -6.29
C GLN A 217 9.21 -3.66 -6.51
N ILE A 218 9.33 -4.67 -5.65
CA ILE A 218 10.45 -5.60 -5.67
C ILE A 218 9.90 -7.02 -5.82
N LEU A 219 10.51 -7.78 -6.73
CA LEU A 219 10.26 -9.21 -6.84
C LEU A 219 11.56 -9.96 -6.62
N GLY A 220 11.50 -11.02 -5.83
CA GLY A 220 12.67 -11.86 -5.60
C GLY A 220 12.31 -13.32 -5.46
N ASP A 221 13.09 -14.20 -6.08
CA ASP A 221 12.86 -15.63 -5.97
C ASP A 221 13.79 -16.24 -4.92
N ARG A 222 13.67 -17.54 -4.72
CA ARG A 222 14.51 -18.23 -3.76
C ARG A 222 15.91 -18.51 -4.29
N HIS A 223 16.14 -18.31 -5.59
CA HIS A 223 17.46 -18.53 -6.18
C HIS A 223 18.38 -17.33 -6.01
N GLY A 224 17.89 -16.21 -5.48
CA GLY A 224 18.70 -15.05 -5.24
C GLY A 224 18.58 -13.95 -6.26
N ASN A 225 17.76 -14.12 -7.29
CA ASN A 225 17.54 -13.07 -8.27
C ASN A 225 16.53 -12.07 -7.72
N ILE A 226 16.92 -10.81 -7.65
CA ILE A 226 16.06 -9.74 -7.15
C ILE A 226 16.00 -8.65 -8.20
N ILE A 227 14.79 -8.30 -8.63
CA ILE A 227 14.58 -7.25 -9.61
C ILE A 227 13.58 -6.25 -9.05
N HIS A 228 13.66 -5.02 -9.54
CA HIS A 228 12.64 -4.02 -9.25
C HIS A 228 11.78 -3.81 -10.48
N LEU A 229 10.51 -3.48 -10.23
CA LEU A 229 9.54 -3.20 -11.27
C LEU A 229 9.20 -1.72 -11.32
N HIS A 230 10.25 -0.89 -11.19
CA HIS A 230 10.19 0.57 -11.12
C HIS A 230 9.39 1.04 -9.91
N GLU A 231 8.99 2.30 -9.90
CA GLU A 231 8.45 2.92 -8.71
C GLU A 231 7.07 3.51 -8.97
N ARG A 232 6.37 3.80 -7.87
CA ARG A 232 5.08 4.45 -7.92
C ARG A 232 5.11 5.70 -7.06
N ASP A 233 4.25 6.66 -7.40
CA ASP A 233 4.11 7.90 -6.65
C ASP A 233 2.79 7.83 -5.89
N CYS A 234 2.87 7.67 -4.58
CA CYS A 234 1.69 7.59 -3.71
C CYS A 234 1.57 8.85 -2.85
N SER A 235 1.95 10.00 -3.43
CA SER A 235 1.98 11.23 -2.67
C SER A 235 0.59 11.82 -2.42
N VAL A 236 -0.38 11.51 -3.27
CA VAL A 236 -1.73 12.03 -3.08
C VAL A 236 -2.35 11.29 -1.90
N GLN A 237 -2.33 11.92 -0.73
CA GLN A 237 -2.77 11.29 0.50
C GLN A 237 -3.62 12.26 1.29
N ARG A 238 -4.74 11.77 1.81
CA ARG A 238 -5.62 12.55 2.67
C ARG A 238 -5.46 12.04 4.10
N ARG A 239 -4.81 12.85 4.94
CA ARG A 239 -4.52 12.55 6.34
C ARG A 239 -3.77 11.22 6.47
N ASN A 240 -2.63 11.16 5.78
CA ASN A 240 -1.72 10.00 5.79
C ASN A 240 -2.41 8.71 5.33
N GLN A 241 -3.40 8.84 4.45
CA GLN A 241 -4.11 7.71 3.89
C GLN A 241 -4.16 7.89 2.38
N LYS A 242 -3.74 6.86 1.65
CA LYS A 242 -3.55 6.98 0.21
C LYS A 242 -4.87 7.18 -0.52
N VAL A 243 -4.87 8.09 -1.49
CA VAL A 243 -6.04 8.38 -2.31
C VAL A 243 -5.82 7.97 -3.75
N ILE A 244 -4.82 8.56 -4.41
CA ILE A 244 -4.52 8.27 -5.81
C ILE A 244 -3.03 7.97 -5.92
N GLU A 245 -2.71 6.82 -6.51
CA GLU A 245 -1.33 6.42 -6.73
C GLU A 245 -1.08 6.38 -8.23
N ILE A 246 0.02 6.98 -8.67
CA ILE A 246 0.39 6.99 -10.08
C ILE A 246 1.75 6.32 -10.22
N ALA A 247 1.98 5.72 -11.39
CA ALA A 247 3.21 5.02 -11.67
C ALA A 247 3.55 5.24 -13.14
N PRO A 248 4.80 5.57 -13.47
CA PRO A 248 5.93 5.83 -12.57
C PRO A 248 5.86 7.25 -12.01
N ALA A 249 6.81 7.65 -11.17
CA ALA A 249 6.80 9.01 -10.65
C ALA A 249 7.20 9.99 -11.74
N VAL A 250 6.21 10.50 -12.48
CA VAL A 250 6.48 11.35 -13.65
C VAL A 250 7.09 12.68 -13.25
N GLY A 251 6.88 13.13 -12.01
CA GLY A 251 7.52 14.36 -11.57
C GLY A 251 9.02 14.22 -11.43
N LEU A 252 9.49 13.09 -10.93
CA LEU A 252 10.91 12.87 -10.68
C LEU A 252 11.64 12.56 -11.98
N SER A 253 12.92 12.93 -12.02
CA SER A 253 13.76 12.62 -13.17
C SER A 253 14.01 11.11 -13.24
N PRO A 254 14.14 10.57 -14.46
CA PRO A 254 14.35 9.12 -14.60
C PRO A 254 15.61 8.60 -13.93
N ASP A 255 16.70 9.37 -13.92
CA ASP A 255 17.92 8.91 -13.28
C ASP A 255 17.77 8.86 -11.76
N PHE A 256 17.06 9.83 -11.19
CA PHE A 256 16.79 9.79 -9.76
C PHE A 256 15.87 8.62 -9.39
N ARG A 257 14.90 8.33 -10.23
CA ARG A 257 14.03 7.17 -10.01
C ARG A 257 14.82 5.87 -10.11
N ASN A 258 15.76 5.80 -11.06
CA ASN A 258 16.62 4.63 -11.17
C ASN A 258 17.51 4.49 -9.94
N GLU A 259 17.99 5.61 -9.40
CA GLU A 259 18.79 5.59 -8.18
C GLU A 259 17.98 5.07 -6.99
N ILE A 260 16.73 5.53 -6.86
CA ILE A 260 15.87 5.06 -5.78
C ILE A 260 15.58 3.57 -5.92
N CYS A 261 15.30 3.11 -7.15
CA CYS A 261 15.04 1.70 -7.38
C CYS A 261 16.28 0.85 -7.12
N GLU A 262 17.47 1.37 -7.45
CA GLU A 262 18.71 0.65 -7.16
C GLU A 262 18.96 0.56 -5.67
N ALA A 263 18.62 1.61 -4.92
CA ALA A 263 18.74 1.55 -3.47
C ALA A 263 17.80 0.51 -2.87
N ALA A 264 16.57 0.45 -3.38
CA ALA A 264 15.62 -0.57 -2.91
C ALA A 264 16.10 -1.97 -3.26
N VAL A 265 16.66 -2.15 -4.46
CA VAL A 265 17.21 -3.44 -4.87
C VAL A 265 18.37 -3.83 -3.96
N LYS A 266 19.24 -2.87 -3.62
CA LYS A 266 20.37 -3.14 -2.74
C LYS A 266 19.91 -3.56 -1.36
N LEU A 267 18.90 -2.89 -0.81
CA LEU A 267 18.37 -3.24 0.50
C LEU A 267 17.76 -4.64 0.48
N CYS A 268 16.93 -4.94 -0.52
CA CYS A 268 16.28 -6.24 -0.58
C CYS A 268 17.28 -7.36 -0.84
N LYS A 269 18.34 -7.09 -1.60
CA LYS A 269 19.38 -8.08 -1.82
C LYS A 269 20.20 -8.29 -0.56
N ASN A 270 20.39 -7.24 0.24
CA ASN A 270 21.09 -7.39 1.52
C ASN A 270 20.29 -8.24 2.48
N VAL A 271 18.96 -8.06 2.52
CA VAL A 271 18.16 -8.91 3.39
C VAL A 271 17.77 -10.23 2.73
N GLY A 272 18.13 -10.43 1.46
CA GLY A 272 17.81 -11.66 0.76
C GLY A 272 16.32 -11.87 0.54
N TYR A 273 15.61 -10.83 0.10
CA TYR A 273 14.16 -10.85 0.06
C TYR A 273 13.63 -11.81 -0.99
N VAL A 274 12.54 -12.51 -0.65
CA VAL A 274 11.87 -13.46 -1.52
C VAL A 274 10.43 -13.01 -1.68
N ASN A 275 9.85 -13.32 -2.85
CA ASN A 275 8.48 -13.01 -3.26
C ASN A 275 8.31 -11.51 -3.43
N ALA A 276 7.06 -11.03 -3.44
CA ALA A 276 6.80 -9.63 -3.76
C ALA A 276 6.88 -8.76 -2.52
N GLY A 277 7.42 -7.56 -2.69
CA GLY A 277 7.50 -6.60 -1.61
C GLY A 277 7.67 -5.20 -2.14
N THR A 278 7.36 -4.24 -1.29
CA THR A 278 7.40 -2.82 -1.64
C THR A 278 8.28 -2.10 -0.64
N VAL A 279 9.23 -1.31 -1.14
CA VAL A 279 10.09 -0.48 -0.31
C VAL A 279 9.63 0.96 -0.43
N GLU A 280 9.20 1.54 0.69
CA GLU A 280 8.70 2.91 0.68
C GLU A 280 9.82 3.90 0.95
N PHE A 281 9.66 5.11 0.41
CA PHE A 281 10.66 6.16 0.53
C PHE A 281 9.97 7.49 0.73
N LEU A 282 10.72 8.44 1.27
CA LEU A 282 10.31 9.84 1.31
C LEU A 282 11.33 10.66 0.53
N VAL A 283 10.86 11.38 -0.48
CA VAL A 283 11.72 12.01 -1.45
C VAL A 283 11.59 13.53 -1.32
N LYS A 284 12.74 14.21 -1.22
CA LYS A 284 12.75 15.66 -1.13
C LYS A 284 14.07 16.17 -1.71
N ASP A 285 13.98 16.94 -2.79
CA ASP A 285 15.06 17.66 -3.49
C ASP A 285 16.37 16.87 -3.57
N ASP A 286 16.31 15.76 -4.32
CA ASP A 286 17.38 14.85 -4.71
C ASP A 286 17.77 13.93 -3.54
N LYS A 287 17.24 14.15 -2.35
CA LYS A 287 17.47 13.26 -1.22
C LYS A 287 16.26 12.36 -1.02
N PHE A 288 16.51 11.08 -0.79
CA PHE A 288 15.47 10.13 -0.45
C PHE A 288 15.83 9.43 0.86
N TYR A 289 14.80 9.06 1.62
CA TYR A 289 14.98 8.46 2.92
C TYR A 289 14.10 7.23 3.04
N PHE A 290 14.67 6.14 3.53
CA PHE A 290 13.91 4.91 3.71
C PHE A 290 12.90 5.07 4.83
N ILE A 291 11.71 4.51 4.64
CA ILE A 291 10.66 4.58 5.65
C ILE A 291 10.31 3.18 6.11
N GLU A 292 9.84 2.33 5.21
CA GLU A 292 9.34 1.02 5.59
C GLU A 292 9.40 0.09 4.38
N VAL A 293 9.38 -1.20 4.66
CA VAL A 293 9.22 -2.23 3.65
C VAL A 293 7.90 -2.94 3.92
N ASN A 294 7.01 -2.95 2.93
CA ASN A 294 5.79 -3.74 3.03
C ASN A 294 6.10 -5.15 2.51
N PRO A 295 6.06 -6.18 3.35
CA PRO A 295 6.39 -7.54 2.91
C PRO A 295 5.18 -8.29 2.35
N ARG A 296 4.51 -7.69 1.38
CA ARG A 296 3.28 -8.23 0.82
C ARG A 296 2.99 -7.52 -0.49
N VAL A 297 2.01 -8.05 -1.21
CA VAL A 297 1.50 -7.37 -2.40
C VAL A 297 0.70 -6.15 -1.96
N GLN A 298 0.88 -5.04 -2.66
CA GLN A 298 0.17 -3.81 -2.33
C GLN A 298 -1.13 -3.70 -3.12
N VAL A 299 -1.98 -2.78 -2.67
CA VAL A 299 -3.23 -2.51 -3.38
C VAL A 299 -2.95 -1.89 -4.74
N GLU A 300 -1.90 -1.05 -4.81
CA GLU A 300 -1.55 -0.34 -6.04
C GLU A 300 -0.53 -1.10 -6.88
N HIS A 301 -0.50 -2.43 -6.79
CA HIS A 301 0.37 -3.21 -7.67
C HIS A 301 -0.12 -3.19 -9.11
N THR A 302 -1.38 -2.82 -9.34
CA THR A 302 -1.97 -2.89 -10.67
C THR A 302 -1.32 -1.90 -11.64
N ILE A 303 -0.99 -0.70 -11.17
CA ILE A 303 -0.36 0.28 -12.05
C ILE A 303 1.07 -0.14 -12.39
N THR A 304 1.76 -0.78 -11.44
CA THR A 304 3.06 -1.35 -11.74
C THR A 304 2.96 -2.45 -12.78
N GLU A 305 1.91 -3.29 -12.67
CA GLU A 305 1.64 -4.30 -13.68
C GLU A 305 1.37 -3.66 -15.05
N LEU A 306 0.67 -2.53 -15.05
CA LEU A 306 0.35 -1.86 -16.31
C LEU A 306 1.60 -1.28 -16.96
N ILE A 307 2.45 -0.61 -16.18
CA ILE A 307 3.60 0.07 -16.78
C ILE A 307 4.77 -0.86 -17.03
N THR A 308 4.81 -2.04 -16.41
CA THR A 308 5.89 -2.99 -16.66
C THR A 308 5.46 -4.20 -17.47
N GLY A 309 4.17 -4.51 -17.51
CA GLY A 309 3.75 -5.71 -18.21
C GLY A 309 4.04 -7.00 -17.48
N VAL A 310 4.31 -6.93 -16.18
CA VAL A 310 4.67 -8.08 -15.37
C VAL A 310 3.51 -8.39 -14.44
N ASP A 311 2.97 -9.60 -14.52
CA ASP A 311 1.91 -10.03 -13.62
C ASP A 311 2.52 -10.30 -12.25
N ILE A 312 2.23 -9.42 -11.30
CA ILE A 312 2.86 -9.52 -9.97
C ILE A 312 2.31 -10.70 -9.19
N VAL A 313 0.99 -10.93 -9.26
CA VAL A 313 0.38 -12.01 -8.49
C VAL A 313 0.77 -13.37 -9.07
N GLN A 314 0.81 -13.48 -10.39
CA GLN A 314 1.29 -14.71 -11.03
C GLN A 314 2.74 -14.99 -10.67
N ALA A 315 3.57 -13.94 -10.65
CA ALA A 315 4.95 -14.09 -10.21
C ALA A 315 5.05 -14.47 -8.75
N GLN A 316 4.13 -13.97 -7.92
CA GLN A 316 4.07 -14.36 -6.51
C GLN A 316 3.84 -15.86 -6.38
N ILE A 317 2.85 -16.37 -7.10
CA ILE A 317 2.54 -17.79 -7.02
C ILE A 317 3.67 -18.64 -7.58
N LEU A 318 4.28 -18.20 -8.70
CA LEU A 318 5.37 -18.97 -9.28
C LEU A 318 6.62 -18.96 -8.42
N ILE A 319 6.90 -17.85 -7.74
CA ILE A 319 8.01 -17.80 -6.79
C ILE A 319 7.72 -18.68 -5.59
N ALA A 320 6.46 -18.70 -5.13
CA ALA A 320 6.07 -19.63 -4.08
C ALA A 320 6.22 -21.08 -4.50
N GLN A 321 6.10 -21.36 -5.80
CA GLN A 321 6.42 -22.67 -6.32
C GLN A 321 7.92 -22.93 -6.37
N GLY A 322 8.75 -21.92 -6.18
CA GLY A 322 10.19 -22.07 -6.22
C GLY A 322 10.84 -21.87 -7.56
N LYS A 323 10.14 -21.26 -8.51
CA LYS A 323 10.68 -21.11 -9.85
C LYS A 323 11.63 -19.92 -9.94
N ASP A 324 12.58 -20.02 -10.85
CA ASP A 324 13.52 -18.93 -11.12
C ASP A 324 12.78 -17.75 -11.76
N LEU A 325 13.23 -16.53 -11.43
CA LEU A 325 12.57 -15.33 -11.92
C LEU A 325 12.73 -15.17 -13.43
N HIS A 326 13.88 -15.57 -13.97
CA HIS A 326 14.15 -15.39 -15.39
C HIS A 326 14.06 -16.68 -16.19
N ARG A 327 14.53 -17.80 -15.66
CA ARG A 327 14.53 -19.03 -16.43
C ARG A 327 13.12 -19.58 -16.60
N GLU A 328 12.35 -19.66 -15.52
CA GLU A 328 11.07 -20.34 -15.54
C GLU A 328 9.89 -19.38 -15.60
N ILE A 329 9.92 -18.29 -14.83
CA ILE A 329 8.85 -17.31 -14.91
C ILE A 329 8.92 -16.56 -16.23
N GLY A 330 10.12 -16.23 -16.68
CA GLY A 330 10.32 -15.55 -17.93
C GLY A 330 10.46 -14.05 -17.85
N LEU A 331 10.62 -13.51 -16.64
CA LEU A 331 10.87 -12.08 -16.50
C LEU A 331 12.27 -11.77 -17.03
N PRO A 332 12.43 -10.68 -17.77
CA PRO A 332 13.74 -10.36 -18.34
C PRO A 332 14.70 -9.81 -17.30
N ALA A 333 15.89 -9.43 -17.73
CA ALA A 333 16.85 -8.81 -16.83
C ALA A 333 16.36 -7.42 -16.43
N GLN A 334 17.04 -6.83 -15.44
CA GLN A 334 16.62 -5.54 -14.89
C GLN A 334 16.68 -4.44 -15.93
N SER A 335 17.71 -4.47 -16.78
CA SER A 335 17.83 -3.46 -17.83
C SER A 335 16.78 -3.64 -18.93
N GLU A 336 16.19 -4.83 -19.04
CA GLU A 336 15.17 -5.10 -20.05
C GLU A 336 13.75 -5.02 -19.51
N ILE A 337 13.58 -4.55 -18.28
CA ILE A 337 12.23 -4.35 -17.74
C ILE A 337 11.66 -3.09 -18.41
N PRO A 338 10.56 -3.20 -19.13
CA PRO A 338 10.08 -2.05 -19.92
C PRO A 338 9.32 -1.05 -19.07
N LEU A 339 9.28 0.18 -19.58
CA LEU A 339 8.44 1.24 -19.06
C LEU A 339 7.41 1.53 -20.14
N LEU A 340 6.27 0.84 -20.06
CA LEU A 340 5.28 0.88 -21.13
C LEU A 340 4.49 2.19 -21.16
N GLY A 341 4.64 3.04 -20.17
CA GLY A 341 3.95 4.30 -20.13
C GLY A 341 3.70 4.72 -18.69
N SER A 342 2.63 5.47 -18.50
CA SER A 342 2.20 5.91 -17.17
C SER A 342 0.85 5.27 -16.84
N ALA A 343 0.54 5.23 -15.55
CA ALA A 343 -0.72 4.66 -15.11
C ALA A 343 -1.17 5.33 -13.82
N ILE A 344 -2.49 5.49 -13.69
CA ILE A 344 -3.10 6.14 -12.53
C ILE A 344 -4.10 5.16 -11.92
N GLN A 345 -4.05 5.00 -10.60
CA GLN A 345 -5.02 4.20 -9.88
C GLN A 345 -5.87 5.09 -8.98
N CYS A 346 -7.19 4.94 -9.09
CA CYS A 346 -8.14 5.59 -8.19
C CYS A 346 -8.93 4.52 -7.46
N ARG A 347 -8.97 4.61 -6.14
CA ARG A 347 -9.72 3.67 -5.31
C ARG A 347 -11.07 4.30 -4.99
N ILE A 348 -12.11 3.82 -5.66
CA ILE A 348 -13.45 4.35 -5.43
C ILE A 348 -14.05 3.65 -4.21
N THR A 349 -14.33 4.44 -3.18
CA THR A 349 -14.81 3.94 -1.90
C THR A 349 -16.20 4.49 -1.61
N THR A 350 -16.74 4.13 -0.45
CA THR A 350 -18.00 4.65 0.03
C THR A 350 -17.83 5.85 0.96
N GLU A 351 -16.61 6.37 1.08
CA GLU A 351 -16.37 7.54 1.91
C GLU A 351 -17.05 8.76 1.31
N ASP A 352 -17.94 9.38 2.06
CA ASP A 352 -18.69 10.53 1.58
C ASP A 352 -17.86 11.79 1.86
N PRO A 353 -17.32 12.46 0.83
CA PRO A 353 -16.47 13.63 1.08
C PRO A 353 -17.22 14.83 1.60
N GLN A 354 -18.53 14.90 1.40
CA GLN A 354 -19.34 15.94 2.01
C GLN A 354 -19.68 15.65 3.46
N ASN A 355 -19.34 14.46 3.96
CA ASN A 355 -19.61 14.07 5.34
C ASN A 355 -18.32 13.76 6.09
N GLY A 356 -17.25 14.47 5.76
CA GLY A 356 -15.97 14.24 6.42
C GLY A 356 -15.34 12.91 6.11
N PHE A 357 -15.58 12.37 4.92
CA PHE A 357 -15.05 11.09 4.45
C PHE A 357 -15.43 9.94 5.39
N LEU A 358 -16.65 9.98 5.89
CA LEU A 358 -17.20 8.83 6.61
C LEU A 358 -17.68 7.78 5.61
N PRO A 359 -17.40 6.50 5.86
CA PRO A 359 -17.83 5.45 4.94
C PRO A 359 -19.34 5.27 4.98
N ASP A 360 -19.98 5.51 3.84
CA ASP A 360 -21.43 5.35 3.74
C ASP A 360 -21.79 3.87 3.66
N THR A 361 -23.02 3.57 4.05
CA THR A 361 -23.57 2.22 3.98
C THR A 361 -24.94 2.27 3.30
N GLY A 362 -25.36 1.13 2.80
CA GLY A 362 -26.65 1.02 2.16
C GLY A 362 -26.60 0.05 1.00
N LYS A 363 -27.70 0.03 0.25
CA LYS A 363 -27.84 -0.85 -0.90
C LYS A 363 -27.51 -0.09 -2.18
N ILE A 364 -26.66 -0.68 -3.02
CA ILE A 364 -26.31 -0.10 -4.30
C ILE A 364 -27.42 -0.45 -5.28
N ASP A 365 -28.16 0.56 -5.73
CA ASP A 365 -29.26 0.32 -6.66
C ASP A 365 -28.84 0.42 -8.11
N THR A 366 -27.79 1.18 -8.41
CA THR A 366 -27.32 1.36 -9.79
C THR A 366 -25.81 1.19 -9.81
N TYR A 367 -25.33 0.35 -10.72
CA TYR A 367 -23.90 0.16 -10.94
C TYR A 367 -23.62 0.08 -12.43
N ARG A 368 -22.89 1.06 -12.95
CA ARG A 368 -22.46 1.07 -14.33
C ARG A 368 -20.95 1.21 -14.35
N SER A 369 -20.27 0.31 -15.06
CA SER A 369 -18.81 0.26 -15.05
C SER A 369 -18.27 0.68 -16.41
N PRO A 370 -17.35 1.62 -16.46
CA PRO A 370 -16.77 2.03 -17.74
C PRO A 370 -15.76 1.00 -18.25
N GLY A 371 -15.36 1.19 -19.50
CA GLY A 371 -14.38 0.32 -20.11
C GLY A 371 -13.76 0.99 -21.33
N GLY A 372 -13.06 0.18 -22.12
CA GLY A 372 -12.50 0.64 -23.36
C GLY A 372 -10.97 0.66 -23.33
N PHE A 373 -10.40 1.55 -24.13
CA PHE A 373 -8.96 1.60 -24.31
C PHE A 373 -8.30 2.14 -23.04
N GLY A 374 -7.30 1.40 -22.56
CA GLY A 374 -6.47 1.91 -21.48
C GLY A 374 -7.12 1.93 -20.13
N ILE A 375 -8.11 1.09 -19.89
CA ILE A 375 -8.85 1.08 -18.63
C ILE A 375 -8.71 -0.31 -18.01
N ARG A 376 -8.39 -0.34 -16.72
CA ARG A 376 -8.35 -1.58 -15.96
C ARG A 376 -9.26 -1.45 -14.75
N LEU A 377 -10.09 -2.47 -14.53
CA LEU A 377 -11.05 -2.48 -13.44
C LEU A 377 -10.75 -3.65 -12.51
N ASP A 378 -10.74 -3.38 -11.21
CA ASP A 378 -10.60 -4.41 -10.17
C ASP A 378 -11.71 -4.14 -9.17
N VAL A 379 -12.86 -4.73 -9.39
CA VAL A 379 -14.04 -4.45 -8.60
C VAL A 379 -14.05 -5.35 -7.37
N GLY A 380 -14.55 -4.81 -6.27
CA GLY A 380 -14.79 -5.59 -5.07
C GLY A 380 -16.23 -6.08 -5.06
N ASN A 381 -16.98 -5.72 -4.03
CA ASN A 381 -18.40 -6.02 -3.95
C ASN A 381 -19.14 -4.72 -4.23
N ALA A 382 -19.38 -4.44 -5.51
CA ALA A 382 -20.02 -3.20 -5.92
C ALA A 382 -21.14 -3.43 -6.92
N TYR A 383 -21.64 -4.65 -7.02
CA TYR A 383 -22.70 -4.94 -7.98
C TYR A 383 -24.03 -4.32 -7.54
N ALA A 384 -24.95 -4.22 -8.49
CA ALA A 384 -26.26 -3.67 -8.20
C ALA A 384 -27.05 -4.60 -7.28
N GLY A 385 -27.63 -4.03 -6.23
CA GLY A 385 -28.32 -4.81 -5.23
C GLY A 385 -27.48 -5.23 -4.04
N TYR A 386 -26.17 -5.02 -4.09
CA TYR A 386 -25.32 -5.33 -2.94
C TYR A 386 -25.57 -4.36 -1.81
N GLU A 387 -25.64 -4.88 -0.60
CA GLU A 387 -25.81 -4.07 0.60
C GLU A 387 -24.45 -3.84 1.23
N VAL A 388 -24.04 -2.59 1.34
CA VAL A 388 -22.72 -2.24 1.86
C VAL A 388 -22.77 -2.34 3.37
N THR A 389 -22.15 -3.37 3.93
CA THR A 389 -22.06 -3.56 5.36
C THR A 389 -21.01 -2.62 5.95
N PRO A 390 -21.16 -2.23 7.22
CA PRO A 390 -20.14 -1.41 7.86
C PRO A 390 -18.95 -2.20 8.40
N TYR A 391 -18.94 -3.52 8.22
CA TYR A 391 -17.89 -4.34 8.82
C TYR A 391 -16.57 -4.20 8.08
N PHE A 392 -16.60 -4.17 6.76
CA PHE A 392 -15.40 -4.30 5.96
C PHE A 392 -14.92 -2.95 5.46
N ASP A 393 -13.91 -2.97 4.60
CA ASP A 393 -13.34 -1.75 4.05
C ASP A 393 -14.32 -1.06 3.13
N SER A 394 -14.16 0.26 3.00
CA SER A 394 -15.06 1.08 2.21
C SER A 394 -14.89 0.89 0.72
N LEU A 395 -13.87 0.17 0.27
CA LEU A 395 -13.53 0.10 -1.15
C LEU A 395 -14.61 -0.62 -1.95
N LEU A 396 -15.03 0.00 -3.05
CA LEU A 396 -15.96 -0.60 -3.99
C LEU A 396 -15.27 -1.20 -5.21
N VAL A 397 -14.38 -0.43 -5.83
CA VAL A 397 -13.77 -0.81 -7.09
C VAL A 397 -12.50 0.01 -7.26
N LYS A 398 -11.44 -0.65 -7.74
CA LYS A 398 -10.22 0.04 -8.15
C LYS A 398 -10.24 0.21 -9.66
N VAL A 399 -10.13 1.45 -10.11
CA VAL A 399 -10.07 1.76 -11.54
C VAL A 399 -8.66 2.23 -11.86
N CYS A 400 -8.06 1.63 -12.88
CA CYS A 400 -6.73 1.99 -13.33
C CYS A 400 -6.78 2.42 -14.78
N THR A 401 -6.25 3.61 -15.05
CA THR A 401 -6.12 4.11 -16.42
C THR A 401 -4.64 4.21 -16.75
N PHE A 402 -4.27 3.74 -17.95
CA PHE A 402 -2.89 3.78 -18.38
C PHE A 402 -2.81 4.22 -19.84
N ALA A 403 -1.75 4.95 -20.16
CA ALA A 403 -1.52 5.47 -21.50
C ALA A 403 -0.03 5.72 -21.67
N ASN A 404 0.36 6.06 -22.90
CA ASN A 404 1.75 6.39 -23.18
C ASN A 404 2.17 7.70 -22.55
N GLU A 405 1.25 8.63 -22.34
CA GLU A 405 1.54 9.91 -21.75
C GLU A 405 0.63 10.12 -20.54
N PHE A 406 1.18 10.77 -19.50
CA PHE A 406 0.44 11.01 -18.27
C PHE A 406 -0.80 11.88 -18.49
N SER A 407 -0.74 12.80 -19.46
CA SER A 407 -1.89 13.66 -19.73
C SER A 407 -3.07 12.87 -20.26
N ASP A 408 -2.82 11.90 -21.15
CA ASP A 408 -3.91 11.06 -21.63
C ASP A 408 -4.42 10.13 -20.54
N SER A 409 -3.55 9.70 -19.63
CA SER A 409 -4.01 8.93 -18.48
C SER A 409 -4.93 9.76 -17.60
N VAL A 410 -4.61 11.05 -17.42
CA VAL A 410 -5.47 11.96 -16.66
C VAL A 410 -6.81 12.14 -17.37
N ARG A 411 -6.78 12.31 -18.69
CA ARG A 411 -8.00 12.49 -19.47
C ARG A 411 -8.89 11.24 -19.39
N LYS A 412 -8.29 10.07 -19.50
CA LYS A 412 -9.05 8.82 -19.41
C LYS A 412 -9.60 8.62 -18.00
N MET A 413 -8.84 8.99 -16.97
CA MET A 413 -9.34 8.89 -15.61
C MET A 413 -10.53 9.82 -15.38
N ASP A 414 -10.48 11.03 -15.95
CA ASP A 414 -11.62 11.94 -15.87
C ASP A 414 -12.83 11.34 -16.59
N ARG A 415 -12.60 10.76 -17.76
CA ARG A 415 -13.69 10.14 -18.52
C ARG A 415 -14.33 8.99 -17.74
N VAL A 416 -13.52 8.15 -17.10
CA VAL A 416 -14.11 7.00 -16.41
C VAL A 416 -14.69 7.40 -15.07
N LEU A 417 -14.21 8.48 -14.45
CA LEU A 417 -14.81 8.93 -13.21
C LEU A 417 -16.15 9.61 -13.46
N HIS A 418 -16.29 10.29 -14.60
CA HIS A 418 -17.60 10.81 -14.96
C HIS A 418 -18.53 9.72 -15.48
N GLU A 419 -17.98 8.72 -16.17
CA GLU A 419 -18.81 7.64 -16.71
C GLU A 419 -19.26 6.68 -15.61
N PHE A 420 -18.51 6.61 -14.51
CA PHE A 420 -18.83 5.66 -13.45
C PHE A 420 -20.09 6.09 -12.74
N ARG A 421 -21.05 5.17 -12.60
CA ARG A 421 -22.33 5.47 -11.99
C ARG A 421 -22.59 4.46 -10.87
N ILE A 422 -22.39 4.91 -9.64
CA ILE A 422 -22.71 4.13 -8.44
C ILE A 422 -23.73 4.92 -7.65
N ARG A 423 -24.93 4.38 -7.51
CA ARG A 423 -26.02 5.06 -6.84
C ARG A 423 -26.55 4.19 -5.71
N GLY A 424 -27.06 4.85 -4.67
CA GLY A 424 -27.49 4.22 -3.45
C GLY A 424 -26.59 4.49 -2.27
N VAL A 425 -25.30 4.71 -2.53
CA VAL A 425 -24.33 5.09 -1.52
C VAL A 425 -23.51 6.25 -2.06
N LYS A 426 -23.05 7.10 -1.16
CA LYS A 426 -22.16 8.19 -1.54
C LYS A 426 -20.76 7.65 -1.77
N THR A 427 -20.09 8.18 -2.79
CA THR A 427 -18.75 7.76 -3.13
C THR A 427 -17.80 8.95 -3.07
N ASN A 428 -16.50 8.65 -3.13
CA ASN A 428 -15.47 9.67 -3.18
C ASN A 428 -15.19 10.12 -4.60
N ILE A 429 -16.07 9.79 -5.55
CA ILE A 429 -15.86 10.14 -6.95
C ILE A 429 -15.77 11.65 -7.19
N PRO A 430 -16.64 12.52 -6.62
CA PRO A 430 -16.42 13.96 -6.80
C PRO A 430 -15.09 14.46 -6.26
N PHE A 431 -14.63 13.90 -5.14
CA PHE A 431 -13.31 14.27 -4.61
C PHE A 431 -12.21 13.85 -5.56
N LEU A 432 -12.31 12.64 -6.12
CA LEU A 432 -11.30 12.17 -7.07
C LEU A 432 -11.29 13.02 -8.35
N ILE A 433 -12.47 13.43 -8.79
CA ILE A 433 -12.57 14.31 -9.96
C ILE A 433 -11.90 15.65 -9.68
N ASN A 434 -12.14 16.21 -8.49
CA ASN A 434 -11.51 17.47 -8.12
C ASN A 434 -10.00 17.33 -8.01
N VAL A 435 -9.52 16.19 -7.51
CA VAL A 435 -8.08 15.98 -7.37
C VAL A 435 -7.42 15.86 -8.73
N ILE A 436 -7.99 15.05 -9.63
CA ILE A 436 -7.37 14.89 -10.94
C ILE A 436 -7.58 16.11 -11.82
N ALA A 437 -8.50 17.00 -11.47
CA ALA A 437 -8.62 18.28 -12.16
C ALA A 437 -7.57 19.28 -11.72
N ASN A 438 -6.89 19.05 -10.61
CA ASN A 438 -5.93 20.01 -10.09
C ASN A 438 -4.65 20.02 -10.93
N GLU A 439 -4.06 21.20 -11.07
CA GLU A 439 -2.88 21.37 -11.90
C GLU A 439 -1.62 20.82 -11.25
N ASN A 440 -1.59 20.66 -9.92
CA ASN A 440 -0.43 20.07 -9.27
C ASN A 440 -0.35 18.58 -9.57
N PHE A 441 -1.47 17.88 -9.47
CA PHE A 441 -1.50 16.44 -9.73
C PHE A 441 -1.19 16.13 -11.19
N THR A 442 -1.75 16.91 -12.11
CA THR A 442 -1.51 16.67 -13.53
C THR A 442 -0.06 16.96 -13.90
N SER A 443 0.55 17.97 -13.26
CA SER A 443 1.98 18.21 -13.45
C SER A 443 2.82 17.15 -12.76
N GLY A 444 2.27 16.44 -11.78
CA GLY A 444 3.00 15.42 -11.08
C GLY A 444 3.84 15.90 -9.93
N GLN A 445 3.73 17.19 -9.57
CA GLN A 445 4.46 17.75 -8.45
C GLN A 445 3.68 17.68 -7.14
N ALA A 446 2.71 16.78 -7.05
CA ALA A 446 1.94 16.64 -5.83
C ALA A 446 2.79 16.01 -4.73
N THR A 447 2.65 16.54 -3.52
CA THR A 447 3.37 16.05 -2.35
C THR A 447 2.36 15.44 -1.38
N THR A 448 2.87 14.99 -0.23
CA THR A 448 2.01 14.36 0.76
C THR A 448 1.09 15.36 1.46
N THR A 449 1.44 16.64 1.43
CA THR A 449 0.63 17.68 2.04
C THR A 449 -0.25 18.40 1.03
N PHE A 450 -0.38 17.86 -0.18
CA PHE A 450 -1.11 18.55 -1.24
C PHE A 450 -2.60 18.58 -0.96
N ILE A 451 -3.16 17.47 -0.45
CA ILE A 451 -4.59 17.39 -0.19
C ILE A 451 -4.99 18.35 0.93
N ASP A 452 -4.23 18.39 2.01
CA ASP A 452 -4.58 19.22 3.15
C ASP A 452 -4.36 20.69 2.90
N ASN A 453 -3.52 21.05 1.93
CA ASN A 453 -3.21 22.45 1.65
C ASN A 453 -3.93 22.95 0.40
N THR A 454 -4.94 22.23 -0.09
CA THR A 454 -5.73 22.64 -1.24
C THR A 454 -7.20 22.55 -0.87
N PRO A 455 -7.78 23.60 -0.30
CA PRO A 455 -9.19 23.54 0.10
C PRO A 455 -10.16 23.58 -1.07
N SER A 456 -9.70 23.92 -2.28
CA SER A 456 -10.57 23.97 -3.44
C SER A 456 -10.99 22.58 -3.92
N LEU A 457 -10.36 21.52 -3.43
CA LEU A 457 -10.76 20.17 -3.81
C LEU A 457 -12.08 19.76 -3.19
N PHE A 458 -12.55 20.49 -2.19
CA PHE A 458 -13.77 20.13 -1.47
C PHE A 458 -14.98 20.92 -1.94
N ASN A 459 -14.85 21.67 -3.04
CA ASN A 459 -15.97 22.39 -3.64
C ASN A 459 -16.62 21.48 -4.67
N PHE A 460 -17.59 20.71 -4.23
CA PHE A 460 -18.25 19.75 -5.09
C PHE A 460 -19.48 20.38 -5.73
N PRO A 461 -19.62 20.31 -7.05
CA PRO A 461 -20.80 20.90 -7.69
C PRO A 461 -22.06 20.10 -7.38
N ARG A 462 -23.20 20.79 -7.49
CA ARG A 462 -24.48 20.14 -7.28
C ARG A 462 -24.78 19.21 -8.46
N LEU A 463 -25.05 17.94 -8.14
CA LEU A 463 -25.43 16.96 -9.14
C LEU A 463 -26.95 16.84 -9.17
N ARG A 464 -27.52 16.90 -10.37
CA ARG A 464 -28.97 17.00 -10.50
C ARG A 464 -29.65 15.69 -10.11
N ASP A 465 -29.25 14.58 -10.73
CA ASP A 465 -29.72 13.23 -10.44
C ASP A 465 -31.23 13.17 -10.62
N ARG A 466 -31.63 13.28 -11.89
CA ARG A 466 -33.05 13.16 -12.21
C ARG A 466 -33.47 11.69 -12.16
#